data_1VZE
#
_entry.id   1VZE
#
_cell.length_a   78.900
_cell.length_b   78.900
_cell.length_c   230.700
_cell.angle_alpha   90.00
_cell.angle_beta   90.00
_cell.angle_gamma   120.00
#
_symmetry.space_group_name_H-M   'P 61 2 2'
#
loop_
_entity.id
_entity.type
_entity.pdbx_description
1 polymer 'THYMIDYLATE SYNTHASE'
2 non-polymer "2'-DEOXYURIDINE 5'-MONOPHOSPHATE"
3 non-polymer '10-PROPARGYL-5,8-DIDEAZAFOLIC ACID'
4 water water
#
_entity_poly.entity_id   1
_entity_poly.type   'polypeptide(L)'
_entity_poly.pdbx_seq_one_letter_code
;MLEQPYLDLAKKVLDEGHFKPDRTHTGTYSIFGHQMRFDLSKGFPLLTTKKVPFGLIKSQLLWFLHGDTNIRFLLQHRNH
IWDEWAFEKWVKSDEYHGPDMTDFGHRSQKAPEFAAVYHEEMAKFDDRVLHDDAFAAKYGDLGLVYGSQWRAWHTSKGDT
IDQLGDVIEQIKTHPYSRRLIVSAWNPEDVPTMALPPCHTLYQFYVNDGKLSLQLYQRSADIFLGVPFNIASYALLTHLV
AHECGLEVGEFIHTFGDAHLYVNHLDQIKEQLSRTPRPAPTLQLNPDKHDIFDFDMKDIKLLNYDPYPAIKAPVAV
;
_entity_poly.pdbx_strand_id   A
#
loop_
_chem_comp.id
_chem_comp.type
_chem_comp.name
_chem_comp.formula
CB3 non-polymer '10-PROPARGYL-5,8-DIDEAZAFOLIC ACID' 'C24 H23 N5 O6'
UMP non-polymer '2'-DEOXYURIDINE 5'-MONOPHOSPHATE' 'C9 H13 N2 O8 P'
#
# COMPACT_ATOMS: atom_id res chain seq x y z
N MET A 1 18.57 -3.62 -14.34
CA MET A 1 17.40 -4.44 -14.43
C MET A 1 16.20 -3.56 -14.11
N LEU A 2 15.12 -4.10 -13.62
CA LEU A 2 13.87 -3.41 -13.64
C LEU A 2 13.73 -2.37 -12.54
N GLU A 3 14.35 -2.59 -11.37
CA GLU A 3 14.20 -1.70 -10.24
C GLU A 3 15.07 -0.47 -10.19
N GLN A 4 15.97 -0.31 -11.12
CA GLN A 4 16.78 0.89 -11.24
C GLN A 4 16.02 2.23 -11.13
N PRO A 5 14.89 2.69 -11.83
CA PRO A 5 13.94 3.64 -11.28
C PRO A 5 14.01 3.87 -9.75
N TYR A 6 13.83 2.86 -8.93
CA TYR A 6 13.97 3.01 -7.49
C TYR A 6 15.36 3.46 -7.04
N LEU A 7 16.47 2.97 -7.57
CA LEU A 7 17.77 3.35 -7.05
C LEU A 7 18.22 4.75 -7.38
N ASP A 8 17.68 5.20 -8.52
CA ASP A 8 17.90 6.51 -9.14
C ASP A 8 17.16 7.65 -8.46
N LEU A 9 15.94 7.38 -8.03
CA LEU A 9 15.15 8.32 -7.25
C LEU A 9 15.85 8.24 -5.89
N ALA A 10 16.07 7.13 -5.13
CA ALA A 10 16.88 7.22 -3.90
C ALA A 10 18.17 8.05 -4.08
N LYS A 11 18.97 7.95 -5.18
CA LYS A 11 20.13 8.85 -5.46
C LYS A 11 19.70 10.33 -5.47
N LYS A 12 18.64 10.60 -6.23
CA LYS A 12 18.12 11.92 -6.35
C LYS A 12 18.00 12.55 -5.01
N VAL A 13 17.28 11.91 -4.16
CA VAL A 13 16.95 12.56 -2.92
C VAL A 13 18.04 12.85 -1.92
N LEU A 14 18.88 11.85 -1.59
CA LEU A 14 19.86 12.13 -0.59
C LEU A 14 20.94 13.01 -1.18
N ASP A 15 20.97 13.27 -2.51
CA ASP A 15 21.90 14.19 -3.19
C ASP A 15 21.24 15.55 -3.45
N GLU A 16 20.26 15.66 -4.39
CA GLU A 16 19.49 16.90 -4.70
C GLU A 16 18.43 17.34 -3.71
N GLY A 17 18.16 16.44 -2.81
CA GLY A 17 17.14 16.68 -1.83
C GLY A 17 17.57 17.70 -0.81
N HIS A 18 16.54 18.50 -0.69
CA HIS A 18 16.52 19.62 0.22
C HIS A 18 15.64 19.21 1.40
N PHE A 19 16.24 19.27 2.59
CA PHE A 19 15.59 18.98 3.87
C PHE A 19 14.16 19.52 4.00
N LYS A 20 13.25 18.81 4.70
CA LYS A 20 11.97 19.45 5.06
C LYS A 20 11.57 18.93 6.42
N PRO A 21 11.44 19.82 7.40
CA PRO A 21 10.68 19.62 8.62
C PRO A 21 9.48 18.68 8.54
N ASP A 22 9.04 18.06 9.67
CA ASP A 22 7.91 17.15 9.56
C ASP A 22 6.97 16.94 10.78
N ARG A 23 5.79 16.44 10.38
CA ARG A 23 4.70 15.87 11.17
C ARG A 23 5.36 14.98 12.25
N THR A 24 5.93 13.76 12.13
CA THR A 24 6.60 13.17 13.29
C THR A 24 8.14 13.39 13.21
N HIS A 25 8.28 14.54 13.88
CA HIS A 25 9.48 15.34 14.02
C HIS A 25 10.86 14.71 13.95
N THR A 26 11.21 14.19 12.76
CA THR A 26 12.52 13.73 12.42
C THR A 26 12.47 14.24 11.03
N GLY A 27 13.39 15.10 10.66
CA GLY A 27 13.38 15.72 9.35
C GLY A 27 13.49 14.70 8.24
N THR A 28 13.14 15.26 7.09
CA THR A 28 13.13 14.45 5.94
C THR A 28 13.98 15.21 4.94
N TYR A 29 14.12 14.60 3.77
CA TYR A 29 14.79 15.11 2.59
C TYR A 29 13.77 14.86 1.51
N SER A 30 13.38 15.92 0.81
CA SER A 30 12.27 15.96 -0.13
C SER A 30 12.52 16.51 -1.50
N ILE A 31 11.91 15.90 -2.48
CA ILE A 31 11.91 16.42 -3.83
C ILE A 31 10.48 16.60 -4.22
N PHE A 32 10.10 17.34 -5.21
CA PHE A 32 8.68 17.37 -5.45
C PHE A 32 8.50 17.19 -6.93
N GLY A 33 7.55 16.41 -7.39
CA GLY A 33 7.36 16.18 -8.80
C GLY A 33 8.38 15.17 -9.25
N HIS A 34 7.93 13.95 -9.68
CA HIS A 34 8.81 12.82 -10.09
C HIS A 34 7.97 11.67 -10.64
N GLN A 35 8.45 11.08 -11.73
CA GLN A 35 7.78 10.05 -12.44
C GLN A 35 8.88 9.07 -12.74
N MET A 36 8.48 7.80 -12.86
CA MET A 36 9.33 6.72 -13.22
C MET A 36 8.42 5.64 -13.74
N ARG A 37 8.87 4.81 -14.68
CA ARG A 37 7.99 3.75 -15.11
C ARG A 37 8.66 2.39 -15.20
N PHE A 38 7.92 1.29 -15.05
CA PHE A 38 8.48 -0.05 -14.99
C PHE A 38 7.67 -0.75 -16.07
N ASP A 39 8.30 -1.39 -17.06
CA ASP A 39 7.66 -2.08 -18.17
C ASP A 39 7.35 -3.51 -17.76
N LEU A 40 6.15 -3.84 -17.33
CA LEU A 40 5.81 -5.14 -16.80
C LEU A 40 5.96 -6.30 -17.80
N SER A 41 6.63 -6.20 -18.98
CA SER A 41 6.87 -7.37 -19.82
C SER A 41 8.23 -8.01 -19.46
N LYS A 42 9.17 -7.20 -18.98
CA LYS A 42 10.47 -7.68 -18.55
C LYS A 42 10.47 -8.44 -17.25
N GLY A 43 9.38 -8.30 -16.47
CA GLY A 43 9.22 -8.99 -15.19
C GLY A 43 8.46 -8.16 -14.15
N PHE A 44 8.39 -8.56 -12.90
CA PHE A 44 7.54 -7.87 -11.93
C PHE A 44 8.33 -6.96 -11.00
N PRO A 45 7.95 -5.75 -10.71
CA PRO A 45 8.80 -4.81 -9.98
C PRO A 45 9.07 -4.93 -8.52
N LEU A 46 9.39 -6.12 -8.02
CA LEU A 46 9.63 -6.20 -6.57
C LEU A 46 11.14 -6.09 -6.55
N LEU A 47 11.74 -5.76 -5.39
CA LEU A 47 13.15 -5.38 -5.41
C LEU A 47 14.06 -6.52 -5.00
N THR A 48 15.13 -6.74 -5.77
CA THR A 48 16.02 -7.78 -5.44
C THR A 48 17.06 -7.21 -4.53
N THR A 49 17.32 -5.93 -4.55
CA THR A 49 18.21 -5.34 -3.57
C THR A 49 17.75 -5.16 -2.11
N LYS A 50 16.63 -5.66 -1.57
CA LYS A 50 16.16 -5.58 -0.17
C LYS A 50 14.98 -6.54 -0.08
N LYS A 51 14.78 -7.35 0.96
CA LYS A 51 13.55 -8.12 1.02
C LYS A 51 12.40 -7.22 1.29
N VAL A 52 11.44 -7.43 0.40
CA VAL A 52 10.13 -6.80 0.40
C VAL A 52 9.21 -7.99 0.52
N PRO A 53 8.39 -8.18 1.55
CA PRO A 53 7.46 -9.34 1.65
C PRO A 53 6.22 -9.45 0.76
N PHE A 54 6.14 -10.19 -0.36
CA PHE A 54 4.93 -10.23 -1.20
C PHE A 54 3.68 -10.81 -0.51
N GLY A 55 3.75 -11.62 0.57
CA GLY A 55 2.57 -11.96 1.32
C GLY A 55 1.80 -10.76 1.93
N LEU A 56 2.40 -9.72 2.48
CA LEU A 56 1.60 -8.68 3.13
C LEU A 56 0.97 -7.80 2.09
N ILE A 57 1.76 -7.61 1.06
CA ILE A 57 1.39 -6.91 -0.14
C ILE A 57 0.10 -7.43 -0.67
N LYS A 58 0.16 -8.74 -0.86
CA LYS A 58 -0.93 -9.51 -1.41
C LYS A 58 -2.19 -9.40 -0.56
N SER A 59 -2.14 -9.83 0.70
CA SER A 59 -3.29 -9.77 1.57
C SER A 59 -3.95 -8.39 1.65
N GLN A 60 -3.11 -7.40 1.75
CA GLN A 60 -3.55 -6.04 1.73
C GLN A 60 -4.34 -5.67 0.48
N LEU A 61 -3.87 -5.99 -0.77
CA LEU A 61 -4.56 -5.59 -2.01
C LEU A 61 -5.83 -6.37 -2.11
N LEU A 62 -5.79 -7.62 -1.74
CA LEU A 62 -6.97 -8.41 -1.84
C LEU A 62 -8.00 -7.88 -0.90
N TRP A 63 -7.70 -7.40 0.29
CA TRP A 63 -8.68 -6.81 1.20
C TRP A 63 -9.23 -5.59 0.48
N PHE A 64 -8.44 -4.83 -0.26
CA PHE A 64 -8.97 -3.65 -0.93
C PHE A 64 -10.06 -3.95 -1.92
N LEU A 65 -9.82 -4.93 -2.78
CA LEU A 65 -10.74 -5.38 -3.78
C LEU A 65 -11.96 -6.15 -3.24
N HIS A 66 -12.18 -6.32 -1.96
CA HIS A 66 -13.40 -7.00 -1.55
C HIS A 66 -14.35 -5.95 -1.05
N GLY A 67 -13.89 -4.72 -0.93
CA GLY A 67 -14.66 -3.64 -0.35
C GLY A 67 -14.45 -3.66 1.13
N ASP A 68 -13.67 -4.64 1.62
CA ASP A 68 -13.50 -4.83 3.05
C ASP A 68 -12.84 -3.60 3.64
N THR A 69 -13.25 -3.22 4.85
CA THR A 69 -12.64 -2.11 5.53
C THR A 69 -12.48 -2.65 6.94
N ASN A 70 -12.30 -3.97 7.11
CA ASN A 70 -12.18 -4.54 8.43
C ASN A 70 -10.96 -5.44 8.57
N ILE A 71 -10.21 -5.11 9.61
CA ILE A 71 -8.96 -5.74 9.84
C ILE A 71 -9.14 -7.22 10.19
N ARG A 72 -10.35 -7.77 10.35
CA ARG A 72 -10.42 -9.17 10.65
C ARG A 72 -9.87 -10.04 9.54
N PHE A 73 -9.97 -9.60 8.30
CA PHE A 73 -9.48 -10.34 7.16
C PHE A 73 -8.00 -10.28 7.15
N LEU A 74 -7.47 -9.12 7.54
CA LEU A 74 -6.04 -8.94 7.56
C LEU A 74 -5.45 -9.71 8.69
N LEU A 75 -6.00 -9.65 9.91
CA LEU A 75 -5.45 -10.41 11.04
C LEU A 75 -5.56 -11.92 10.87
N GLN A 76 -6.64 -12.52 10.34
CA GLN A 76 -6.56 -13.96 10.08
C GLN A 76 -5.68 -14.21 8.86
N HIS A 77 -5.07 -13.19 8.27
CA HIS A 77 -4.19 -13.44 7.14
C HIS A 77 -2.74 -12.98 7.34
N ARG A 78 -2.32 -13.08 8.61
CA ARG A 78 -1.01 -12.67 9.10
C ARG A 78 -0.43 -11.32 8.68
N ASN A 79 -1.33 -10.47 8.22
CA ASN A 79 -1.06 -9.10 7.89
C ASN A 79 -1.26 -8.18 9.13
N HIS A 80 -0.37 -7.27 9.54
CA HIS A 80 -0.73 -6.37 10.60
C HIS A 80 -0.55 -4.90 10.25
N ILE A 81 -0.45 -4.52 8.94
CA ILE A 81 0.04 -3.18 8.55
C ILE A 81 -0.66 -2.02 9.22
N TRP A 82 -1.98 -2.21 9.19
CA TRP A 82 -3.03 -1.33 9.70
C TRP A 82 -3.49 -1.47 11.17
N ASP A 83 -2.76 -2.24 11.99
CA ASP A 83 -3.23 -2.51 13.34
C ASP A 83 -3.41 -1.32 14.27
N GLU A 84 -2.26 -0.66 14.53
CA GLU A 84 -2.09 0.54 15.35
C GLU A 84 -3.28 1.49 15.17
N TRP A 85 -3.74 1.62 13.93
CA TRP A 85 -4.77 2.51 13.46
C TRP A 85 -6.05 2.31 14.24
N ALA A 86 -6.61 1.11 14.12
CA ALA A 86 -7.77 0.76 14.89
C ALA A 86 -7.53 0.63 16.40
N PHE A 87 -6.31 0.19 16.80
CA PHE A 87 -5.97 0.07 18.22
C PHE A 87 -5.99 1.50 18.79
N GLU A 88 -5.77 2.53 17.94
CA GLU A 88 -5.81 3.90 18.33
C GLU A 88 -7.23 4.32 18.53
N LYS A 89 -8.27 3.82 17.88
CA LYS A 89 -9.63 4.23 18.26
C LYS A 89 -9.99 3.48 19.53
N TRP A 90 -9.55 2.24 19.74
CA TRP A 90 -9.85 1.40 20.92
C TRP A 90 -9.48 2.08 22.23
N VAL A 91 -8.15 2.28 22.41
CA VAL A 91 -7.58 2.92 23.61
C VAL A 91 -8.21 4.26 24.02
N LYS A 92 -9.00 4.99 23.18
CA LYS A 92 -9.62 6.28 23.53
C LYS A 92 -11.16 6.20 23.57
N SER A 93 -11.66 5.53 24.62
CA SER A 93 -13.07 5.42 24.85
C SER A 93 -13.48 4.63 26.07
N ASP A 94 -14.78 4.85 26.12
CA ASP A 94 -15.70 4.30 27.06
C ASP A 94 -15.20 2.99 27.49
N GLU A 95 -14.95 2.13 26.47
CA GLU A 95 -14.49 0.82 26.83
C GLU A 95 -13.07 0.87 27.37
N TYR A 96 -11.97 1.34 26.77
CA TYR A 96 -10.65 1.11 27.36
C TYR A 96 -10.38 1.41 28.83
N HIS A 97 -10.58 0.38 29.65
CA HIS A 97 -10.21 0.44 31.04
C HIS A 97 -8.98 -0.50 31.15
N GLY A 98 -7.78 -0.20 30.69
CA GLY A 98 -6.65 -1.13 30.83
C GLY A 98 -5.41 -0.32 31.15
N PRO A 99 -4.22 -0.81 30.87
CA PRO A 99 -2.98 -0.19 31.23
C PRO A 99 -2.54 0.90 30.27
N ASP A 100 -3.35 1.94 30.07
CA ASP A 100 -3.01 3.09 29.23
C ASP A 100 -1.99 2.93 28.08
N MET A 101 -2.36 2.36 26.89
CA MET A 101 -1.40 2.36 25.78
C MET A 101 -1.74 3.67 25.11
N THR A 102 -1.59 4.78 25.82
CA THR A 102 -1.94 6.04 25.24
C THR A 102 -0.69 6.74 24.76
N ASP A 103 -0.79 7.11 23.47
CA ASP A 103 0.27 7.76 22.64
C ASP A 103 1.34 6.72 22.24
N PHE A 104 1.08 5.46 22.57
CA PHE A 104 1.93 4.33 22.28
C PHE A 104 3.00 4.33 21.21
N GLY A 105 2.79 5.09 20.09
CA GLY A 105 3.65 5.35 18.92
C GLY A 105 5.17 5.32 19.15
N HIS A 106 6.00 6.41 19.18
CA HIS A 106 7.46 6.29 19.47
C HIS A 106 7.69 5.77 20.92
N ARG A 107 6.72 6.13 21.75
CA ARG A 107 6.54 5.56 23.07
C ARG A 107 6.79 4.03 23.09
N SER A 108 6.47 3.26 22.03
CA SER A 108 6.68 1.82 22.01
C SER A 108 8.15 1.44 21.85
N GLN A 109 8.75 2.21 20.91
CA GLN A 109 10.13 2.12 20.40
C GLN A 109 11.21 2.53 21.38
N LYS A 110 11.53 3.83 21.45
CA LYS A 110 12.71 4.23 22.22
C LYS A 110 12.15 4.56 23.60
N ALA A 111 11.42 3.63 24.26
CA ALA A 111 10.83 3.89 25.56
C ALA A 111 10.59 2.58 26.37
N PRO A 112 9.86 2.45 27.52
CA PRO A 112 10.18 1.45 28.50
C PRO A 112 9.54 0.07 28.18
N GLU A 113 8.55 -0.43 28.96
CA GLU A 113 7.74 -1.66 28.76
C GLU A 113 6.60 -1.46 27.71
N PHE A 114 7.09 -0.93 26.58
CA PHE A 114 6.31 -0.63 25.40
C PHE A 114 6.90 -1.44 24.25
N ALA A 115 7.50 -2.50 24.78
CA ALA A 115 8.00 -3.65 24.06
C ALA A 115 6.80 -4.41 24.63
N ALA A 116 6.82 -5.19 25.69
CA ALA A 116 5.61 -5.84 26.22
C ALA A 116 4.63 -4.80 26.69
N VAL A 117 3.45 -5.22 27.15
CA VAL A 117 2.37 -4.32 27.61
C VAL A 117 1.75 -3.73 26.37
N TYR A 118 2.57 -3.05 25.52
CA TYR A 118 2.02 -2.50 24.32
C TYR A 118 1.80 -3.70 23.46
N HIS A 119 2.94 -4.30 23.14
CA HIS A 119 2.89 -5.38 22.20
C HIS A 119 2.14 -6.60 22.75
N GLU A 120 1.84 -6.69 24.08
CA GLU A 120 1.05 -7.77 24.72
C GLU A 120 -0.41 -7.26 24.61
N GLU A 121 -0.77 -5.95 24.75
CA GLU A 121 -2.16 -5.52 24.63
C GLU A 121 -2.71 -5.79 23.21
N MET A 122 -1.93 -5.68 22.12
CA MET A 122 -2.37 -6.00 20.74
C MET A 122 -2.94 -7.38 20.65
N ALA A 123 -2.47 -8.35 21.39
CA ALA A 123 -3.06 -9.68 21.39
C ALA A 123 -4.55 -9.55 21.71
N LYS A 124 -4.83 -8.67 22.69
CA LYS A 124 -6.20 -8.46 23.09
C LYS A 124 -7.02 -7.81 21.98
N PHE A 125 -6.48 -6.85 21.24
CA PHE A 125 -7.33 -6.20 20.26
C PHE A 125 -7.50 -7.19 19.13
N ASP A 126 -6.41 -7.72 18.60
CA ASP A 126 -6.37 -8.69 17.53
C ASP A 126 -7.05 -10.03 17.82
N ASP A 127 -7.15 -10.56 19.05
CA ASP A 127 -7.95 -11.75 19.40
C ASP A 127 -9.46 -11.44 19.30
N ARG A 128 -9.88 -10.45 20.12
CA ARG A 128 -11.32 -10.02 20.16
C ARG A 128 -11.86 -9.68 18.76
N VAL A 129 -10.98 -9.13 17.90
CA VAL A 129 -11.26 -8.77 16.51
C VAL A 129 -11.46 -10.00 15.66
N LEU A 130 -10.71 -11.04 15.90
CA LEU A 130 -10.88 -12.31 15.25
C LEU A 130 -12.09 -13.07 15.80
N HIS A 131 -12.45 -12.91 17.09
CA HIS A 131 -13.54 -13.67 17.63
C HIS A 131 -14.89 -13.03 17.84
N ASP A 132 -14.83 -11.87 18.45
CA ASP A 132 -16.05 -11.23 18.83
C ASP A 132 -16.42 -10.43 17.60
N ASP A 133 -17.48 -11.07 17.13
CA ASP A 133 -18.25 -10.54 16.06
C ASP A 133 -18.82 -9.16 16.32
N ALA A 134 -18.97 -8.90 17.58
CA ALA A 134 -19.51 -7.65 18.06
C ALA A 134 -18.38 -6.66 18.29
N PHE A 135 -17.18 -7.18 18.13
CA PHE A 135 -16.03 -6.40 18.38
C PHE A 135 -15.51 -5.88 17.11
N ALA A 136 -15.29 -6.78 16.16
CA ALA A 136 -14.71 -6.37 14.89
C ALA A 136 -15.70 -5.36 14.39
N ALA A 137 -16.96 -5.78 14.33
CA ALA A 137 -18.09 -4.98 13.98
C ALA A 137 -17.94 -3.48 13.90
N LYS A 138 -17.45 -3.11 15.05
CA LYS A 138 -17.29 -1.77 15.49
C LYS A 138 -15.82 -1.38 15.59
N TYR A 139 -15.02 -1.97 16.48
CA TYR A 139 -13.71 -1.43 16.59
C TYR A 139 -12.84 -2.00 15.44
N GLY A 140 -12.98 -3.21 14.88
CA GLY A 140 -12.11 -3.61 13.78
C GLY A 140 -12.52 -3.09 12.39
N ASP A 141 -13.65 -2.36 12.29
CA ASP A 141 -14.11 -1.77 11.03
C ASP A 141 -13.23 -0.58 11.07
N LEU A 142 -12.67 -0.23 9.94
CA LEU A 142 -11.79 0.90 9.85
C LEU A 142 -12.38 2.05 9.01
N GLY A 143 -13.70 2.08 8.84
CA GLY A 143 -14.39 3.22 8.26
C GLY A 143 -14.02 3.44 6.84
N LEU A 144 -13.23 4.50 6.67
CA LEU A 144 -12.78 4.91 5.37
C LEU A 144 -11.36 4.55 4.88
N VAL A 145 -11.26 3.36 4.32
CA VAL A 145 -10.05 2.89 3.74
C VAL A 145 -10.30 2.76 2.26
N TYR A 146 -9.22 2.61 1.47
CA TYR A 146 -9.25 2.23 0.09
C TYR A 146 -10.39 1.34 -0.33
N GLY A 147 -10.95 0.47 0.52
CA GLY A 147 -12.10 -0.35 0.19
C GLY A 147 -13.26 0.55 -0.06
N SER A 148 -13.77 1.35 0.87
CA SER A 148 -14.88 2.23 0.59
C SER A 148 -14.52 3.20 -0.55
N GLN A 149 -13.29 3.72 -0.63
CA GLN A 149 -12.91 4.57 -1.73
C GLN A 149 -13.03 3.82 -3.02
N TRP A 150 -12.51 2.62 -3.13
CA TRP A 150 -12.46 2.00 -4.41
C TRP A 150 -13.78 1.41 -4.80
N ARG A 151 -14.49 0.73 -3.88
CA ARG A 151 -15.79 0.13 -4.20
C ARG A 151 -17.07 0.67 -3.58
N ALA A 152 -17.08 1.49 -2.54
CA ALA A 152 -18.30 2.11 -2.06
C ALA A 152 -18.03 3.59 -1.86
N TRP A 153 -17.91 4.39 -2.91
CA TRP A 153 -17.68 5.82 -2.69
C TRP A 153 -19.02 6.24 -2.16
N HIS A 154 -19.03 7.21 -1.26
CA HIS A 154 -20.23 7.71 -0.62
C HIS A 154 -20.76 8.93 -1.35
N THR A 155 -22.01 8.81 -1.86
CA THR A 155 -22.64 9.95 -2.50
C THR A 155 -23.59 10.71 -1.60
N SER A 156 -24.22 11.77 -2.11
CA SER A 156 -25.18 12.54 -1.37
C SER A 156 -26.33 11.66 -0.92
N LYS A 157 -27.00 11.05 -1.90
CA LYS A 157 -28.27 10.37 -1.70
C LYS A 157 -28.14 8.92 -1.15
N GLY A 158 -27.26 8.68 -0.17
CA GLY A 158 -27.10 7.36 0.44
C GLY A 158 -26.21 6.46 -0.43
N ASP A 159 -26.47 6.29 -1.73
CA ASP A 159 -25.72 5.36 -2.53
C ASP A 159 -24.18 5.34 -2.52
N THR A 160 -23.81 4.10 -2.85
CA THR A 160 -22.50 3.56 -2.96
C THR A 160 -22.34 3.32 -4.46
N ILE A 161 -21.20 3.88 -4.93
CA ILE A 161 -20.70 3.84 -6.31
C ILE A 161 -19.45 2.92 -6.38
N ASP A 162 -19.47 1.75 -7.05
CA ASP A 162 -18.25 0.96 -7.06
C ASP A 162 -17.38 1.54 -8.13
N GLN A 163 -16.67 2.63 -7.86
CA GLN A 163 -16.01 3.24 -8.99
C GLN A 163 -14.88 2.35 -9.60
N LEU A 164 -14.28 1.44 -8.84
CA LEU A 164 -13.33 0.55 -9.48
C LEU A 164 -14.01 -0.47 -10.35
N GLY A 165 -15.17 -0.93 -9.96
CA GLY A 165 -15.82 -2.00 -10.68
C GLY A 165 -16.29 -1.46 -11.98
N ASP A 166 -17.00 -0.32 -11.86
CA ASP A 166 -17.56 0.38 -13.00
C ASP A 166 -16.42 0.54 -14.01
N VAL A 167 -15.24 0.92 -13.50
CA VAL A 167 -14.07 1.19 -14.29
C VAL A 167 -13.71 -0.04 -15.06
N ILE A 168 -13.43 -1.14 -14.38
CA ILE A 168 -12.99 -2.34 -15.03
C ILE A 168 -13.91 -2.66 -16.17
N GLU A 169 -15.21 -2.49 -16.00
CA GLU A 169 -16.16 -2.80 -17.08
C GLU A 169 -16.12 -1.78 -18.16
N GLN A 170 -15.87 -0.55 -17.76
CA GLN A 170 -15.75 0.54 -18.70
C GLN A 170 -14.64 0.11 -19.61
N ILE A 171 -13.58 -0.54 -19.06
CA ILE A 171 -12.41 -0.93 -19.82
C ILE A 171 -12.77 -1.92 -20.88
N LYS A 172 -13.55 -2.95 -20.57
CA LYS A 172 -13.77 -4.01 -21.53
C LYS A 172 -14.58 -3.42 -22.65
N THR A 173 -15.43 -2.43 -22.28
CA THR A 173 -16.37 -1.80 -23.19
C THR A 173 -15.82 -0.68 -24.01
N HIS A 174 -15.03 0.17 -23.46
CA HIS A 174 -14.49 1.27 -24.23
C HIS A 174 -13.04 1.28 -23.79
N PRO A 175 -12.19 0.45 -24.38
CA PRO A 175 -10.83 0.30 -23.92
C PRO A 175 -9.99 1.57 -24.16
N TYR A 176 -10.13 2.28 -25.29
CA TYR A 176 -9.46 3.54 -25.70
C TYR A 176 -9.71 4.91 -25.05
N SER A 177 -10.49 5.13 -23.95
CA SER A 177 -10.63 6.46 -23.39
C SER A 177 -9.50 6.85 -22.43
N ARG A 178 -9.64 8.13 -22.07
CA ARG A 178 -8.85 8.91 -21.11
C ARG A 178 -9.52 8.86 -19.76
N ARG A 179 -10.75 8.31 -19.70
CA ARG A 179 -11.60 8.38 -18.51
C ARG A 179 -11.51 7.26 -17.48
N LEU A 180 -10.53 6.36 -17.46
CA LEU A 180 -10.40 5.30 -16.45
C LEU A 180 -9.63 5.72 -15.20
N ILE A 181 -10.28 6.52 -14.41
CA ILE A 181 -9.67 7.17 -13.28
C ILE A 181 -10.52 6.70 -12.12
N VAL A 182 -9.82 6.33 -11.05
CA VAL A 182 -10.40 6.01 -9.73
C VAL A 182 -9.73 7.04 -8.78
N SER A 183 -10.49 7.71 -7.97
CA SER A 183 -9.96 8.72 -7.12
C SER A 183 -10.17 8.17 -5.77
N ALA A 184 -9.21 8.30 -4.92
CA ALA A 184 -9.37 7.90 -3.56
C ALA A 184 -9.51 9.15 -2.69
N TRP A 185 -9.33 10.37 -3.27
CA TRP A 185 -9.50 11.67 -2.62
C TRP A 185 -10.89 12.32 -2.85
N ASN A 186 -11.66 12.30 -1.75
CA ASN A 186 -12.98 12.86 -1.54
C ASN A 186 -12.72 14.00 -0.57
N PRO A 187 -12.91 15.29 -0.97
CA PRO A 187 -12.72 16.45 -0.11
C PRO A 187 -13.52 16.56 1.21
N GLU A 188 -14.77 16.10 1.41
CA GLU A 188 -15.47 16.31 2.69
C GLU A 188 -15.05 15.41 3.84
N ASP A 189 -14.55 14.25 3.47
CA ASP A 189 -14.00 13.34 4.42
C ASP A 189 -12.54 13.77 4.72
N VAL A 190 -11.77 14.32 3.72
CA VAL A 190 -10.35 14.70 3.92
C VAL A 190 -10.09 15.52 5.18
N PRO A 191 -10.76 16.65 5.51
CA PRO A 191 -10.57 17.47 6.72
C PRO A 191 -10.18 16.79 8.00
N THR A 192 -10.85 15.69 8.27
CA THR A 192 -10.73 15.00 9.56
C THR A 192 -10.61 13.47 9.32
N MET A 193 -9.37 13.07 8.99
CA MET A 193 -8.99 11.68 8.76
C MET A 193 -7.60 11.64 9.39
N ALA A 194 -7.18 10.50 9.94
CA ALA A 194 -5.87 10.41 10.50
C ALA A 194 -4.98 10.34 9.29
N LEU A 195 -4.95 9.29 8.43
CA LEU A 195 -4.16 9.33 7.21
C LEU A 195 -5.15 9.37 6.06
N PRO A 196 -5.27 10.47 5.34
CA PRO A 196 -6.09 10.53 4.13
C PRO A 196 -5.33 9.97 2.94
N PRO A 197 -5.91 9.51 1.81
CA PRO A 197 -5.28 8.58 0.90
C PRO A 197 -3.95 9.16 0.48
N CYS A 198 -2.86 8.40 0.59
CA CYS A 198 -1.57 8.79 0.05
C CYS A 198 -1.50 8.40 -1.41
N HIS A 199 -2.11 7.26 -1.72
CA HIS A 199 -2.17 6.81 -3.08
C HIS A 199 -3.52 7.46 -3.37
N THR A 200 -3.33 8.60 -4.03
CA THR A 200 -4.37 9.56 -4.35
C THR A 200 -5.27 9.30 -5.55
N LEU A 201 -4.80 8.88 -6.71
CA LEU A 201 -5.60 8.68 -7.93
C LEU A 201 -4.88 7.71 -8.81
N TYR A 202 -5.57 7.01 -9.69
CA TYR A 202 -4.85 6.33 -10.70
C TYR A 202 -5.64 6.26 -11.99
N GLN A 203 -4.95 6.23 -13.11
CA GLN A 203 -5.54 6.22 -14.42
C GLN A 203 -5.16 4.89 -15.02
N PHE A 204 -6.08 4.17 -15.63
CA PHE A 204 -5.77 2.99 -16.40
C PHE A 204 -5.62 3.45 -17.86
N TYR A 205 -5.06 2.63 -18.79
CA TYR A 205 -5.02 2.95 -20.22
C TYR A 205 -4.74 1.77 -21.13
N VAL A 206 -5.45 1.58 -22.23
CA VAL A 206 -5.19 0.51 -23.21
C VAL A 206 -4.43 1.18 -24.36
N ASN A 207 -3.36 0.46 -24.57
CA ASN A 207 -2.27 0.86 -25.42
C ASN A 207 -2.68 0.43 -26.76
N ASP A 208 -1.96 -0.48 -27.38
CA ASP A 208 -2.47 -1.20 -28.49
C ASP A 208 -2.33 -2.59 -27.92
N GLY A 209 -3.43 -3.18 -27.44
CA GLY A 209 -3.41 -4.52 -26.88
C GLY A 209 -2.89 -4.65 -25.46
N LYS A 210 -2.28 -3.63 -24.88
CA LYS A 210 -1.66 -3.71 -23.57
C LYS A 210 -2.28 -2.86 -22.50
N LEU A 211 -2.44 -3.22 -21.23
CA LEU A 211 -2.90 -2.28 -20.26
C LEU A 211 -1.78 -1.50 -19.54
N SER A 212 -1.97 -0.23 -19.17
CA SER A 212 -0.99 0.48 -18.42
C SER A 212 -1.71 1.16 -17.30
N LEU A 213 -0.99 1.65 -16.32
CA LEU A 213 -1.60 2.29 -15.20
C LEU A 213 -0.66 3.31 -14.75
N GLN A 214 -1.23 4.32 -14.14
CA GLN A 214 -0.49 5.45 -13.64
C GLN A 214 -1.08 5.89 -12.31
N LEU A 215 -0.22 5.86 -11.33
CA LEU A 215 -0.53 6.22 -9.98
C LEU A 215 0.08 7.55 -9.62
N TYR A 216 -0.76 8.39 -9.08
CA TYR A 216 -0.31 9.65 -8.61
C TYR A 216 -0.28 9.38 -7.14
N GLN A 217 0.80 9.64 -6.47
CA GLN A 217 0.94 9.55 -5.04
C GLN A 217 1.26 10.93 -4.54
N ARG A 218 0.64 11.44 -3.49
CA ARG A 218 0.96 12.79 -3.05
C ARG A 218 2.08 12.94 -2.04
N SER A 219 2.50 11.86 -1.38
CA SER A 219 3.44 11.93 -0.26
C SER A 219 4.04 10.56 -0.27
N ALA A 220 5.35 10.26 -0.26
CA ALA A 220 5.80 8.91 -0.49
C ALA A 220 7.13 8.62 0.16
N ASP A 221 7.13 7.61 1.01
CA ASP A 221 8.29 7.30 1.77
C ASP A 221 9.21 6.51 0.89
N ILE A 222 10.39 7.00 0.49
CA ILE A 222 11.26 6.22 -0.39
C ILE A 222 11.80 4.92 0.18
N PHE A 223 12.29 4.89 1.42
CA PHE A 223 12.84 3.64 1.85
C PHE A 223 11.75 2.64 2.26
N LEU A 224 10.88 3.05 3.19
CA LEU A 224 9.83 2.23 3.74
C LEU A 224 8.59 1.93 2.93
N GLY A 225 7.86 2.92 2.41
CA GLY A 225 6.64 2.62 1.69
C GLY A 225 6.76 2.39 0.20
N VAL A 226 7.69 3.04 -0.50
CA VAL A 226 7.74 3.02 -1.93
C VAL A 226 7.96 1.62 -2.47
N PRO A 227 8.92 0.75 -2.12
CA PRO A 227 9.04 -0.63 -2.52
C PRO A 227 7.82 -1.49 -2.65
N PHE A 228 7.04 -1.22 -1.63
CA PHE A 228 5.75 -1.83 -1.49
C PHE A 228 4.79 -1.29 -2.49
N ASN A 229 4.60 0.03 -2.51
CA ASN A 229 3.58 0.61 -3.36
C ASN A 229 3.77 0.27 -4.82
N ILE A 230 5.01 0.03 -5.22
CA ILE A 230 5.24 -0.43 -6.56
C ILE A 230 4.65 -1.81 -6.76
N ALA A 231 4.88 -2.77 -5.90
CA ALA A 231 4.41 -4.11 -6.15
C ALA A 231 2.93 -4.21 -6.10
N SER A 232 2.21 -3.49 -5.26
CA SER A 232 0.74 -3.47 -5.22
C SER A 232 0.01 -2.89 -6.40
N TYR A 233 0.56 -1.86 -6.98
CA TYR A 233 0.08 -1.28 -8.22
C TYR A 233 0.52 -2.07 -9.44
N ALA A 234 1.68 -2.70 -9.45
CA ALA A 234 1.93 -3.63 -10.51
C ALA A 234 1.01 -4.86 -10.30
N LEU A 235 0.75 -5.46 -9.11
CA LEU A 235 -0.22 -6.53 -8.98
C LEU A 235 -1.50 -6.05 -9.60
N LEU A 236 -2.09 -4.91 -9.20
CA LEU A 236 -3.40 -4.46 -9.74
C LEU A 236 -3.46 -4.49 -11.26
N THR A 237 -2.36 -4.08 -11.90
CA THR A 237 -2.29 -4.07 -13.34
C THR A 237 -2.28 -5.46 -13.92
N HIS A 238 -1.69 -6.43 -13.24
CA HIS A 238 -1.75 -7.78 -13.77
C HIS A 238 -3.20 -8.26 -13.59
N LEU A 239 -3.80 -8.04 -12.41
CA LEU A 239 -5.15 -8.45 -12.09
C LEU A 239 -6.27 -7.90 -12.96
N VAL A 240 -6.33 -6.60 -13.19
CA VAL A 240 -7.26 -6.00 -14.10
C VAL A 240 -7.01 -6.57 -15.50
N ALA A 241 -5.79 -6.66 -15.98
CA ALA A 241 -5.54 -7.26 -17.27
C ALA A 241 -5.96 -8.71 -17.50
N HIS A 242 -5.58 -9.67 -16.65
CA HIS A 242 -6.02 -11.05 -16.74
C HIS A 242 -7.50 -10.94 -16.89
N GLU A 243 -8.21 -10.09 -16.16
CA GLU A 243 -9.65 -9.99 -16.30
C GLU A 243 -10.17 -9.52 -17.65
N CYS A 244 -9.58 -8.49 -18.29
CA CYS A 244 -10.11 -8.01 -19.56
C CYS A 244 -9.45 -8.71 -20.75
N GLY A 245 -8.61 -9.76 -20.63
CA GLY A 245 -8.08 -10.47 -21.78
C GLY A 245 -6.97 -9.67 -22.36
N LEU A 246 -6.08 -9.13 -21.52
CA LEU A 246 -5.01 -8.25 -22.00
C LEU A 246 -3.52 -8.51 -21.65
N GLU A 247 -2.65 -7.84 -22.40
CA GLU A 247 -1.23 -7.89 -22.13
C GLU A 247 -0.79 -6.75 -21.23
N VAL A 248 0.36 -6.83 -20.56
CA VAL A 248 0.71 -5.85 -19.55
C VAL A 248 1.83 -5.06 -20.16
N GLY A 249 1.62 -3.76 -20.11
CA GLY A 249 2.55 -2.82 -20.65
C GLY A 249 3.28 -2.28 -19.46
N GLU A 250 2.97 -1.10 -18.96
CA GLU A 250 3.79 -0.54 -17.90
C GLU A 250 2.98 -0.15 -16.67
N PHE A 251 3.64 0.11 -15.56
CA PHE A 251 3.02 0.72 -14.42
C PHE A 251 3.88 2.00 -14.41
N ILE A 252 3.33 3.21 -14.26
CA ILE A 252 4.10 4.47 -14.21
C ILE A 252 3.88 5.04 -12.81
N HIS A 253 4.78 5.54 -11.94
CA HIS A 253 4.47 5.99 -10.57
C HIS A 253 4.74 7.46 -10.48
N THR A 254 3.80 8.36 -10.32
CA THR A 254 4.10 9.78 -10.24
C THR A 254 3.91 10.21 -8.81
N PHE A 255 4.89 10.95 -8.40
CA PHE A 255 5.08 11.42 -7.06
C PHE A 255 4.84 12.91 -6.86
N GLY A 256 4.22 13.22 -5.72
CA GLY A 256 4.07 14.57 -5.23
C GLY A 256 5.28 14.80 -4.34
N ASP A 257 5.26 14.63 -3.01
CA ASP A 257 6.50 14.71 -2.25
C ASP A 257 7.23 13.37 -2.06
N ALA A 258 8.25 12.97 -2.78
CA ALA A 258 8.90 11.70 -2.48
C ALA A 258 9.91 12.12 -1.43
N HIS A 259 10.12 11.41 -0.36
CA HIS A 259 11.00 11.96 0.66
C HIS A 259 11.64 10.90 1.49
N LEU A 260 12.90 11.07 1.82
CA LEU A 260 13.66 10.16 2.68
C LEU A 260 13.79 10.71 4.13
N TYR A 261 13.98 9.91 5.19
CA TYR A 261 14.05 10.50 6.50
C TYR A 261 15.47 10.35 6.92
N VAL A 262 15.94 11.26 7.76
CA VAL A 262 17.29 11.18 8.31
C VAL A 262 17.61 9.91 9.14
N ASN A 263 16.51 9.35 9.62
CA ASN A 263 16.46 8.06 10.30
C ASN A 263 16.93 6.95 9.36
N HIS A 264 16.76 7.14 8.05
CA HIS A 264 16.96 6.15 7.01
C HIS A 264 18.15 6.48 6.10
N LEU A 265 19.30 7.15 6.36
CA LEU A 265 20.27 7.44 5.27
C LEU A 265 21.44 6.51 5.20
N ASP A 266 21.79 6.03 6.37
CA ASP A 266 22.88 5.11 6.46
C ASP A 266 22.23 3.87 5.86
N GLN A 267 20.98 3.58 6.18
CA GLN A 267 20.39 2.38 5.64
C GLN A 267 20.09 2.37 4.13
N ILE A 268 19.66 3.40 3.41
CA ILE A 268 19.47 3.28 2.00
C ILE A 268 20.85 3.11 1.35
N LYS A 269 21.93 3.69 1.92
CA LYS A 269 23.29 3.63 1.42
C LYS A 269 23.76 2.21 1.25
N GLU A 270 23.41 1.47 2.29
CA GLU A 270 23.63 0.06 2.40
C GLU A 270 22.89 -0.61 1.24
N GLN A 271 21.64 -0.27 0.87
CA GLN A 271 20.89 -0.94 -0.23
C GLN A 271 21.75 -0.91 -1.46
N LEU A 272 22.10 0.36 -1.60
CA LEU A 272 22.85 0.84 -2.70
C LEU A 272 24.14 0.13 -2.92
N SER A 273 24.87 -0.57 -2.07
CA SER A 273 26.06 -1.23 -2.56
C SER A 273 25.73 -2.53 -3.30
N ARG A 274 24.48 -3.00 -3.23
CA ARG A 274 24.07 -4.19 -3.95
C ARG A 274 23.68 -3.83 -5.36
N THR A 275 23.79 -4.78 -6.29
CA THR A 275 23.55 -4.58 -7.70
C THR A 275 22.45 -5.50 -8.16
N PRO A 276 21.37 -5.02 -8.72
CA PRO A 276 20.11 -5.73 -8.76
C PRO A 276 20.30 -7.01 -9.48
N ARG A 277 19.67 -8.02 -8.98
CA ARG A 277 19.68 -9.36 -9.54
C ARG A 277 18.49 -9.40 -10.50
N PRO A 278 18.18 -10.46 -11.24
CA PRO A 278 16.96 -10.67 -11.98
C PRO A 278 15.64 -10.37 -11.32
N ALA A 279 14.74 -9.96 -12.23
CA ALA A 279 13.41 -9.56 -11.85
C ALA A 279 12.55 -10.80 -11.74
N PRO A 280 11.71 -11.00 -10.70
CA PRO A 280 10.85 -12.17 -10.48
C PRO A 280 9.77 -12.22 -11.48
N THR A 281 8.96 -13.25 -11.50
CA THR A 281 7.92 -13.44 -12.48
C THR A 281 6.54 -13.68 -11.82
N LEU A 282 5.38 -13.57 -12.45
CA LEU A 282 4.09 -13.71 -11.78
C LEU A 282 3.27 -14.61 -12.69
N GLN A 283 2.61 -15.49 -12.03
CA GLN A 283 1.77 -16.46 -12.63
C GLN A 283 0.53 -16.21 -11.85
N LEU A 284 -0.58 -16.14 -12.58
CA LEU A 284 -1.86 -16.00 -11.97
C LEU A 284 -2.63 -17.24 -12.35
N ASN A 285 -3.43 -17.77 -11.41
CA ASN A 285 -4.27 -18.94 -11.66
C ASN A 285 -5.05 -18.65 -12.92
N PRO A 286 -4.90 -19.35 -14.04
CA PRO A 286 -5.49 -18.93 -15.27
C PRO A 286 -6.92 -19.43 -15.34
N ASP A 287 -7.36 -20.26 -14.42
CA ASP A 287 -8.65 -20.86 -14.62
C ASP A 287 -9.60 -19.82 -14.29
N LYS A 288 -9.36 -19.23 -13.13
CA LYS A 288 -10.29 -18.31 -12.55
C LYS A 288 -9.97 -17.09 -13.33
N HIS A 289 -11.15 -16.54 -13.59
CA HIS A 289 -11.22 -15.25 -14.23
C HIS A 289 -12.23 -14.57 -13.35
N ASP A 290 -11.92 -13.36 -12.84
CA ASP A 290 -12.85 -12.47 -12.11
C ASP A 290 -12.04 -12.24 -10.85
N ILE A 291 -11.46 -11.05 -10.84
CA ILE A 291 -10.47 -10.81 -9.82
C ILE A 291 -11.00 -10.74 -8.47
N PHE A 292 -12.23 -10.33 -8.28
CA PHE A 292 -12.85 -10.25 -6.97
C PHE A 292 -13.07 -11.62 -6.43
N ASP A 293 -12.83 -12.65 -7.22
CA ASP A 293 -12.94 -14.03 -6.81
C ASP A 293 -11.62 -14.69 -6.42
N PHE A 294 -10.55 -13.97 -6.69
CA PHE A 294 -9.24 -14.51 -6.48
C PHE A 294 -8.99 -14.63 -4.99
N ASP A 295 -7.99 -15.41 -4.61
CA ASP A 295 -7.70 -15.57 -3.21
C ASP A 295 -6.22 -15.86 -3.07
N MET A 296 -5.61 -15.71 -1.91
CA MET A 296 -4.18 -15.88 -1.63
C MET A 296 -3.35 -16.73 -2.55
N LYS A 297 -3.83 -17.96 -2.66
CA LYS A 297 -3.21 -19.02 -3.44
C LYS A 297 -3.11 -18.81 -4.92
N ASP A 298 -4.08 -18.15 -5.54
CA ASP A 298 -4.19 -17.94 -6.97
C ASP A 298 -3.17 -17.01 -7.60
N ILE A 299 -2.23 -16.50 -6.84
CA ILE A 299 -1.25 -15.55 -7.31
C ILE A 299 0.13 -15.99 -6.86
N LYS A 300 0.89 -16.62 -7.76
CA LYS A 300 2.26 -17.00 -7.49
C LYS A 300 3.34 -16.12 -8.12
N LEU A 301 4.43 -15.98 -7.39
CA LEU A 301 5.55 -15.16 -7.74
C LEU A 301 6.69 -16.15 -7.93
N LEU A 302 7.17 -16.32 -9.15
CA LEU A 302 8.26 -17.25 -9.41
C LEU A 302 9.62 -16.56 -9.55
N ASN A 303 10.75 -17.09 -9.03
CA ASN A 303 12.16 -16.69 -9.27
C ASN A 303 12.71 -15.44 -8.67
N TYR A 304 12.28 -15.34 -7.44
CA TYR A 304 12.64 -14.16 -6.70
C TYR A 304 13.85 -14.44 -5.84
N ASP A 305 14.96 -13.72 -5.99
CA ASP A 305 16.17 -13.97 -5.20
C ASP A 305 16.68 -12.73 -4.47
N PRO A 306 16.29 -12.51 -3.22
CA PRO A 306 16.43 -11.23 -2.57
C PRO A 306 17.71 -11.02 -1.90
N TYR A 307 18.15 -9.80 -1.86
CA TYR A 307 19.28 -9.43 -1.03
C TYR A 307 18.63 -9.32 0.33
N PRO A 308 19.32 -9.64 1.39
CA PRO A 308 18.87 -9.44 2.74
C PRO A 308 18.06 -8.18 3.07
N ALA A 309 17.12 -8.29 4.01
CA ALA A 309 16.21 -7.18 4.37
C ALA A 309 16.79 -6.14 5.33
N ILE A 310 16.85 -4.86 4.95
CA ILE A 310 17.44 -3.82 5.78
C ILE A 310 16.39 -3.25 6.74
N LYS A 311 16.91 -3.33 7.94
CA LYS A 311 16.31 -2.92 9.17
C LYS A 311 15.92 -1.44 9.27
N ALA A 312 14.59 -1.38 9.33
CA ALA A 312 13.78 -0.17 9.37
C ALA A 312 13.47 0.48 10.72
N PRO A 313 14.33 1.33 11.32
CA PRO A 313 13.87 2.46 12.15
C PRO A 313 12.72 3.14 11.43
N VAL A 314 11.46 3.04 11.88
CA VAL A 314 10.33 3.74 11.21
C VAL A 314 10.50 5.31 11.35
N ALA A 315 9.49 6.18 11.47
CA ALA A 315 9.72 7.52 12.04
C ALA A 315 8.79 7.37 13.26
N VAL A 316 7.67 8.12 13.35
CA VAL A 316 6.77 7.91 14.46
C VAL A 316 5.39 7.77 13.69
N1 UMP B . 2.03 7.05 3.39
C2 UMP B . 2.42 5.82 2.83
N3 UMP B . 1.47 4.76 2.97
C4 UMP B . 0.06 4.92 3.11
C5 UMP B . -0.39 6.30 3.43
C6 UMP B . 0.60 7.41 3.14
O2 UMP B . 3.51 5.70 2.24
O4 UMP B . -0.72 3.97 2.92
C1' UMP B . 3.02 7.85 4.19
C2' UMP B . 3.37 9.14 3.48
C3' UMP B . 4.15 9.93 4.54
C4' UMP B . 3.27 9.70 5.76
O3' UMP B . 5.45 9.33 4.75
O4' UMP B . 2.92 8.26 5.63
C5' UMP B . 1.96 10.53 5.73
O5' UMP B . 2.15 11.80 5.02
P UMP B . 1.53 13.13 5.60
OP1 UMP B . 0.23 12.88 6.19
OP2 UMP B . 2.39 13.70 6.67
OP3 UMP B . 1.41 14.15 4.56
HN3 UMP B . 1.83 3.87 3.20
N1 CB3 C . 3.67 6.91 7.92
C2 CB3 C . 5.01 7.27 7.88
NA2 CB3 C . 5.49 8.30 8.64
N3 CB3 C . 5.86 6.61 7.06
C4 CB3 C . 5.47 5.56 6.30
O4 CB3 C . 6.40 4.95 5.48
C4A CB3 C . 4.13 5.13 6.40
C5 CB3 C . 3.67 4.00 5.70
C6 CB3 C . 2.33 3.57 5.81
C7 CB3 C . 1.41 4.35 6.62
C8 CB3 C . 1.85 5.48 7.34
C8A CB3 C . 3.21 5.85 7.24
C9 CB3 C . 1.92 2.15 5.42
N10 CB3 C . 2.98 1.09 5.25
C11 CB3 C . 4.66 -0.94 8.69
C12 CB3 C . 5.33 -0.90 7.45
C13 CB3 C . 4.78 -0.23 6.33
C14 CB3 C . 3.51 0.43 6.39
C15 CB3 C . 2.81 0.38 7.64
C16 CB3 C . 3.39 -0.29 8.77
C CB3 C . 5.18 -1.76 9.79
O CB3 C . 6.04 -1.41 10.64
N CB3 C . 4.66 -2.97 9.91
CA CB3 C . 5.22 -4.13 9.19
CB CB3 C . 6.60 -4.50 9.77
CG CB3 C . 7.42 -5.62 9.01
CD CB3 C . 8.55 -5.21 7.99
OE1 CB3 C . 9.23 -4.18 8.25
OE2 CB3 C . 8.74 -5.93 6.96
CT CB3 C . 4.21 -5.24 9.45
O1 CB3 C . 4.06 -5.62 10.63
O2 CB3 C . 3.53 -5.66 8.51
CP1 CB3 C . 3.45 0.72 3.88
CP2 CB3 C . 2.45 0.90 2.81
CP3 CB3 C . 1.59 0.92 1.96
HN21 CB3 C . 4.92 8.36 9.51
HN22 CB3 C . 5.37 9.18 8.11
HN CB3 C . 4.00 -3.15 10.62
HP3 CB3 C . 0.80 0.93 1.27
#